data_2X6W
#
_entry.id   2X6W
#
_cell.length_a   74.530
_cell.length_b   74.530
_cell.length_c   174.610
_cell.angle_alpha   90.00
_cell.angle_beta   90.00
_cell.angle_gamma   120.00
#
_symmetry.space_group_name_H-M   'P 3 2 1'
#
loop_
_entity.id
_entity.type
_entity.pdbx_description
1 polymer 'TAIL SPIKE PROTEIN'
2 branched alpha-D-glucopyranose-(1-6)-2-acetamido-2-deoxy-beta-D-glucopyranose-(1-3)-[alpha-L-rhamnopyranose-(1-6)-alpha-D-glucopyranose-(1-4)][2-acetamido-2-deoxy-beta-D-glucopyranose-(1-3)]alpha-D-galactopyranose-(1-3)-2-acetamido-2-deoxy-alpha-D-glucopyranose
3 non-polymer 'SODIUM ION'
4 non-polymer 2-AMINO-2-HYDROXYMETHYL-PROPANE-1,3-DIOL
5 water water
#
_entity_poly.entity_id   1
_entity_poly.type   'polypeptide(L)'
_entity_poly.pdbx_seq_one_letter_code
;DPDQFRAIIESPEGAGHVGYQYRRNTGSTMRMVSDVLDERVSLWDFHCDPSGNVIQPGPNVDSRQYLQAAIDYVSSNGGG
TITIPAGYTWYLGSYGVGGIAGHSGIIQLRSNVNLNIEGRIHLSPFFDLKPFQVFVGFDNGDPASSGNLENCHIYGHGVV
DFGGYEFGASSQLRNGVAFGRSYNCSVTGITFQNGDVTWAITLGWNGYGSNCYVRKCRFINLVNSSVNADHSTVYVNCPY
SGVESCYFSMSSSFARNIACSVQLHQHDTFYRGSTVNGYCRGAYVVMHAAEAAGAGSYAYNMQVENNIAVIYGQFVILGS
DVTATVSGHLNDVIVSGNIVSIGERAAFSAPFGAFIDIGPDNSGASNVQDIQRVLVTGNSFYAPANITDSAAITLRANLN
GCTFIANNFDCRYMVYNAPGTTSPVVQNLVWDKSNVIGGTHANQRAGQNLFDMQFASVVNSTIEVQLSCEDLSMFSCILF
PASCQLSYSKITVDSAWTKSMSNTAVFEGNQQAGANVYVSYPATVNLTSYNTQGAVPFFSTDTNYAWVTSAYSLSINENL
DFSPPATYTNKANGQLVGVGYNEIGGVRSVSVRLMLQRQV
;
_entity_poly.pdbx_strand_id   A
#
# COMPACT_ATOMS: atom_id res chain seq x y z
C GLN A 4 45.68 45.46 -23.26
N PHE A 5 44.80 46.41 -23.58
CA PHE A 5 43.37 46.31 -23.25
C PHE A 5 42.72 45.14 -23.99
N ARG A 6 43.05 44.99 -25.28
CA ARG A 6 42.55 43.87 -26.09
C ARG A 6 42.89 42.53 -25.42
N ALA A 7 44.11 42.44 -24.90
CA ALA A 7 44.58 41.25 -24.19
C ALA A 7 43.68 40.94 -23.00
N ILE A 8 43.40 41.94 -22.17
CA ILE A 8 42.53 41.78 -21.01
C ILE A 8 41.12 41.33 -21.45
N ILE A 9 40.55 41.98 -22.46
CA ILE A 9 39.17 41.71 -22.89
C ILE A 9 38.99 40.32 -23.50
N GLU A 10 39.99 39.84 -24.23
CA GLU A 10 39.94 38.50 -24.82
C GLU A 10 40.33 37.37 -23.84
N SER A 11 40.89 37.74 -22.69
CA SER A 11 41.28 36.78 -21.64
C SER A 11 40.06 36.32 -20.84
N PRO A 12 40.23 35.27 -20.01
CA PRO A 12 39.11 34.84 -19.16
C PRO A 12 38.60 35.89 -18.15
N GLU A 13 39.40 36.91 -17.88
CA GLU A 13 38.99 38.01 -17.01
C GLU A 13 38.33 39.18 -17.77
N GLY A 14 38.16 39.04 -19.09
CA GLY A 14 37.62 40.14 -19.91
C GLY A 14 36.25 40.66 -19.49
N ALA A 15 35.31 39.76 -19.21
CA ALA A 15 33.97 40.15 -18.76
C ALA A 15 34.03 40.91 -17.43
N GLY A 16 35.10 40.64 -16.65
CA GLY A 16 35.36 41.37 -15.41
C GLY A 16 35.86 42.79 -15.58
N HIS A 17 36.02 43.23 -16.83
CA HIS A 17 36.44 44.61 -17.14
C HIS A 17 35.41 45.37 -17.97
N VAL A 18 34.25 44.76 -18.27
CA VAL A 18 33.20 45.43 -19.04
C VAL A 18 32.09 45.86 -18.08
N GLY A 19 31.87 47.18 -17.96
CA GLY A 19 30.98 47.69 -16.94
C GLY A 19 29.53 47.52 -17.29
N TYR A 20 28.70 47.43 -16.24
CA TYR A 20 27.27 47.27 -16.42
C TYR A 20 26.54 47.92 -15.28
N GLN A 21 25.42 48.55 -15.59
CA GLN A 21 24.51 49.08 -14.58
C GLN A 21 23.09 48.80 -15.07
N TYR A 22 22.31 48.11 -14.24
CA TYR A 22 20.98 47.62 -14.59
C TYR A 22 20.09 48.70 -15.19
N ARG A 23 19.67 48.46 -16.43
CA ARG A 23 18.73 49.30 -17.18
C ARG A 23 19.11 50.79 -17.21
N ARG A 24 20.42 51.04 -17.16
CA ARG A 24 20.95 52.42 -17.08
C ARG A 24 20.38 53.20 -15.90
N ASN A 25 19.94 52.48 -14.86
CA ASN A 25 19.42 53.12 -13.66
C ASN A 25 20.55 53.75 -12.87
N THR A 26 20.53 55.06 -12.70
CA THR A 26 21.66 55.70 -12.01
C THR A 26 21.71 55.34 -10.53
N GLY A 27 20.60 54.83 -9.99
CA GLY A 27 20.60 54.31 -8.61
C GLY A 27 21.09 52.88 -8.44
N SER A 28 21.35 52.17 -9.54
CA SER A 28 21.81 50.78 -9.45
C SER A 28 23.31 50.62 -9.30
N THR A 29 23.69 49.43 -8.90
CA THR A 29 25.07 49.08 -8.69
C THR A 29 25.86 49.16 -9.98
N MET A 30 27.06 49.75 -9.88
CA MET A 30 28.00 49.73 -10.98
C MET A 30 28.77 48.43 -10.89
N ARG A 31 28.39 47.50 -11.77
CA ARG A 31 28.92 46.14 -11.76
C ARG A 31 29.78 45.91 -12.99
N MET A 32 30.34 44.71 -13.08
CA MET A 32 30.95 44.20 -14.31
C MET A 32 30.10 43.07 -14.86
N VAL A 33 30.18 42.83 -16.16
CA VAL A 33 29.42 41.76 -16.80
C VAL A 33 29.64 40.41 -16.11
N SER A 34 30.89 40.09 -15.75
CA SER A 34 31.20 38.82 -15.07
C SER A 34 30.37 38.67 -13.78
N ASP A 35 30.13 39.76 -13.05
CA ASP A 35 29.32 39.71 -11.81
C ASP A 35 27.92 39.21 -12.07
N VAL A 36 27.33 39.70 -13.14
CA VAL A 36 25.96 39.30 -13.49
C VAL A 36 25.94 37.85 -13.98
N LEU A 37 26.90 37.47 -14.82
CA LEU A 37 26.99 36.08 -15.27
C LEU A 37 27.21 35.11 -14.10
N ASP A 38 27.92 35.58 -13.09
CA ASP A 38 28.25 34.76 -11.90
C ASP A 38 27.02 34.50 -11.03
N GLU A 39 25.90 35.15 -11.32
CA GLU A 39 24.65 34.89 -10.60
C GLU A 39 24.02 33.55 -10.95
N ARG A 40 24.41 32.97 -12.07
CA ARG A 40 23.95 31.67 -12.46
C ARG A 40 25.16 30.78 -12.76
N VAL A 41 24.91 29.49 -12.87
CA VAL A 41 25.97 28.50 -13.09
C VAL A 41 25.38 27.28 -13.74
N SER A 42 26.11 26.69 -14.69
CA SER A 42 25.64 25.54 -15.40
C SER A 42 26.77 24.52 -15.51
N LEU A 43 26.43 23.32 -15.95
CA LEU A 43 27.43 22.32 -16.18
C LEU A 43 28.48 22.78 -17.19
N TRP A 44 28.10 23.66 -18.10
CA TRP A 44 29.07 24.19 -19.07
C TRP A 44 30.27 24.87 -18.41
N ASP A 45 30.07 25.43 -17.22
CA ASP A 45 31.14 26.11 -16.47
C ASP A 45 32.19 25.18 -15.86
N PHE A 46 31.96 23.87 -15.94
CA PHE A 46 32.89 22.89 -15.40
C PHE A 46 33.23 21.77 -16.38
N HIS A 47 32.54 21.73 -17.52
CA HIS A 47 32.62 20.62 -18.47
C HIS A 47 33.71 20.96 -19.49
N CYS A 48 34.96 20.88 -19.03
CA CYS A 48 36.09 21.37 -19.79
C CYS A 48 37.31 20.52 -19.57
N ASP A 49 38.24 20.59 -20.53
CA ASP A 49 39.51 19.87 -20.43
C ASP A 49 40.50 20.60 -19.51
N PRO A 50 41.69 20.02 -19.30
CA PRO A 50 42.63 20.66 -18.38
C PRO A 50 43.14 22.04 -18.81
N SER A 51 42.99 22.40 -20.09
CA SER A 51 43.30 23.76 -20.55
C SER A 51 42.13 24.74 -20.50
N GLY A 52 40.98 24.28 -20.03
CA GLY A 52 39.79 25.13 -19.95
C GLY A 52 38.92 25.18 -21.19
N ASN A 53 39.21 24.35 -22.19
CA ASN A 53 38.38 24.30 -23.39
C ASN A 53 37.15 23.44 -23.16
N VAL A 54 35.98 23.97 -23.51
CA VAL A 54 34.72 23.24 -23.36
C VAL A 54 34.78 21.89 -24.10
N ILE A 55 34.17 20.87 -23.49
CA ILE A 55 34.04 19.52 -24.03
C ILE A 55 32.54 19.30 -24.33
N GLN A 56 32.22 18.86 -25.55
CA GLN A 56 30.83 18.50 -25.88
C GLN A 56 30.45 17.17 -25.23
N PRO A 57 29.27 17.11 -24.58
CA PRO A 57 28.83 15.83 -24.04
C PRO A 57 28.43 14.89 -25.18
N GLY A 58 28.36 13.60 -24.87
CA GLY A 58 27.98 12.60 -25.85
C GLY A 58 28.26 11.22 -25.29
N PRO A 59 27.83 10.18 -26.02
CA PRO A 59 27.94 8.79 -25.56
C PRO A 59 29.38 8.31 -25.30
N ASN A 60 30.36 8.98 -25.91
CA ASN A 60 31.77 8.67 -25.68
C ASN A 60 32.48 9.68 -24.75
N VAL A 61 31.69 10.50 -24.03
CA VAL A 61 32.26 11.42 -23.02
C VAL A 61 31.63 11.10 -21.67
N ASP A 62 32.49 10.92 -20.65
CA ASP A 62 32.06 10.67 -19.28
C ASP A 62 31.95 12.03 -18.58
N SER A 63 30.73 12.49 -18.33
CA SER A 63 30.50 13.81 -17.75
C SER A 63 30.62 13.83 -16.23
N ARG A 64 30.81 12.68 -15.60
CA ARG A 64 30.79 12.58 -14.15
C ARG A 64 31.73 13.54 -13.44
N GLN A 65 33.00 13.53 -13.78
CA GLN A 65 33.95 14.33 -13.00
C GLN A 65 33.58 15.83 -13.06
N TYR A 66 33.01 16.25 -14.19
CA TYR A 66 32.70 17.68 -14.41
C TYR A 66 31.51 18.09 -13.56
N LEU A 67 30.46 17.25 -13.53
CA LEU A 67 29.31 17.53 -12.68
C LEU A 67 29.71 17.51 -11.22
N GLN A 68 30.60 16.60 -10.86
CA GLN A 68 31.06 16.55 -9.48
C GLN A 68 31.86 17.81 -9.13
N ALA A 69 32.72 18.26 -10.05
CA ALA A 69 33.47 19.48 -9.82
C ALA A 69 32.51 20.68 -9.63
N ALA A 70 31.42 20.75 -10.42
CA ALA A 70 30.42 21.82 -10.31
C ALA A 70 29.77 21.79 -8.93
N ILE A 71 29.29 20.61 -8.52
CA ILE A 71 28.69 20.45 -7.19
C ILE A 71 29.66 20.81 -6.05
N ASP A 72 30.90 20.33 -6.14
CA ASP A 72 31.89 20.61 -5.10
C ASP A 72 32.15 22.12 -4.99
N TYR A 73 32.24 22.78 -6.14
CA TYR A 73 32.53 24.21 -6.12
C TYR A 73 31.36 25.05 -5.55
N VAL A 74 30.16 24.79 -6.04
CA VAL A 74 29.00 25.56 -5.60
C VAL A 74 28.76 25.33 -4.12
N SER A 75 29.02 24.11 -3.66
CA SER A 75 28.94 23.79 -2.24
C SER A 75 29.84 24.70 -1.43
N SER A 76 31.08 24.88 -1.91
CA SER A 76 32.06 25.71 -1.21
C SER A 76 31.68 27.19 -1.11
N ASN A 77 30.76 27.66 -1.96
CA ASN A 77 30.23 29.03 -1.84
C ASN A 77 28.92 29.14 -1.07
N GLY A 78 28.52 28.09 -0.36
CA GLY A 78 27.29 28.14 0.44
C GLY A 78 26.02 27.76 -0.32
N GLY A 79 26.20 27.27 -1.55
CA GLY A 79 25.10 26.71 -2.31
C GLY A 79 24.65 27.53 -3.48
N GLY A 80 23.64 27.00 -4.15
CA GLY A 80 23.13 27.57 -5.37
C GLY A 80 22.47 26.47 -6.19
N THR A 81 22.09 26.80 -7.41
CA THR A 81 21.44 25.84 -8.31
C THR A 81 22.25 25.67 -9.60
N ILE A 82 22.66 24.44 -9.90
CA ILE A 82 23.40 24.13 -11.13
C ILE A 82 22.42 23.63 -12.19
N THR A 83 22.38 24.32 -13.34
CA THR A 83 21.56 23.85 -14.44
C THR A 83 22.30 22.77 -15.26
N ILE A 84 21.59 21.70 -15.59
CA ILE A 84 22.03 20.67 -16.53
C ILE A 84 21.31 20.97 -17.83
N PRO A 85 22.02 21.56 -18.81
CA PRO A 85 21.29 22.19 -19.93
C PRO A 85 20.40 21.31 -20.80
N ALA A 86 19.27 21.91 -21.19
CA ALA A 86 18.34 21.37 -22.16
C ALA A 86 19.02 21.26 -23.51
N GLY A 87 18.60 20.25 -24.30
CA GLY A 87 19.08 20.09 -25.67
C GLY A 87 20.31 19.23 -25.79
N TYR A 88 20.73 18.62 -24.68
CA TYR A 88 21.92 17.78 -24.61
C TYR A 88 21.62 16.60 -23.71
N THR A 89 22.28 15.48 -24.01
CA THR A 89 22.31 14.29 -23.19
C THR A 89 23.71 14.19 -22.59
N TRP A 90 23.74 14.17 -21.27
CA TRP A 90 24.94 14.13 -20.48
C TRP A 90 25.13 12.72 -19.93
N TYR A 91 26.13 12.03 -20.44
CA TYR A 91 26.37 10.63 -20.07
C TYR A 91 27.30 10.49 -18.85
N LEU A 92 27.01 9.52 -17.99
CA LEU A 92 27.81 9.17 -16.83
C LEU A 92 28.42 7.79 -17.08
N GLY A 93 29.74 7.67 -16.86
CA GLY A 93 30.46 6.48 -17.34
C GLY A 93 31.55 5.94 -16.43
N SER A 94 31.50 6.33 -15.15
CA SER A 94 32.43 5.85 -14.13
C SER A 94 31.80 6.02 -12.75
N TYR A 95 32.36 5.33 -11.76
CA TYR A 95 31.95 5.47 -10.35
C TYR A 95 32.61 6.69 -9.73
N GLY A 96 31.93 7.23 -8.74
CA GLY A 96 32.48 8.28 -7.90
C GLY A 96 33.49 7.67 -6.94
N VAL A 97 34.16 8.55 -6.21
CA VAL A 97 35.21 8.16 -5.28
C VAL A 97 34.93 8.75 -3.91
N GLY A 98 35.54 8.15 -2.90
CA GLY A 98 35.36 8.58 -1.54
C GLY A 98 34.16 7.95 -0.89
N GLY A 99 33.47 8.72 -0.06
CA GLY A 99 32.37 8.27 0.78
C GLY A 99 31.21 7.61 0.05
N ILE A 100 30.98 7.98 -1.20
CA ILE A 100 29.89 7.35 -1.94
C ILE A 100 30.25 6.01 -2.59
N ALA A 101 31.54 5.65 -2.59
CA ALA A 101 31.97 4.41 -3.23
C ALA A 101 31.36 3.16 -2.56
N GLY A 102 31.14 3.22 -1.25
CA GLY A 102 30.49 2.14 -0.53
C GLY A 102 29.03 1.93 -0.91
N HIS A 103 28.45 2.92 -1.59
CA HIS A 103 27.07 2.89 -2.08
C HIS A 103 27.00 2.73 -3.61
N SER A 104 28.10 2.31 -4.22
CA SER A 104 28.17 2.21 -5.68
C SER A 104 27.76 3.52 -6.31
N GLY A 105 28.14 4.62 -5.67
CA GLY A 105 27.67 5.93 -6.06
C GLY A 105 28.33 6.49 -7.31
N ILE A 106 27.58 7.27 -8.09
CA ILE A 106 28.14 7.99 -9.26
C ILE A 106 28.45 9.44 -8.92
N ILE A 107 27.43 10.18 -8.50
CA ILE A 107 27.57 11.57 -8.13
C ILE A 107 27.25 11.73 -6.64
N GLN A 108 28.05 12.53 -5.97
CA GLN A 108 27.79 12.90 -4.57
C GLN A 108 27.06 14.24 -4.52
N LEU A 109 25.84 14.20 -3.95
CA LEU A 109 25.10 15.42 -3.66
C LEU A 109 25.71 16.12 -2.43
N ARG A 110 25.57 17.44 -2.39
CA ARG A 110 26.02 18.24 -1.27
C ARG A 110 24.95 19.23 -0.84
N SER A 111 25.00 19.60 0.43
CA SER A 111 23.96 20.43 1.00
C SER A 111 23.89 21.80 0.35
N ASN A 112 22.68 22.30 0.20
CA ASN A 112 22.40 23.61 -0.39
C ASN A 112 22.72 23.70 -1.87
N VAL A 113 23.08 22.59 -2.50
CA VAL A 113 23.37 22.58 -3.94
C VAL A 113 22.25 21.87 -4.67
N ASN A 114 21.41 22.65 -5.36
CA ASN A 114 20.29 22.14 -6.09
C ASN A 114 20.74 21.81 -7.51
N LEU A 115 20.05 20.85 -8.14
CA LEU A 115 20.27 20.54 -9.55
C LEU A 115 18.99 20.79 -10.33
N ASN A 116 19.05 21.70 -11.28
CA ASN A 116 17.96 21.95 -12.20
C ASN A 116 18.26 21.14 -13.47
N ILE A 117 17.70 19.94 -13.53
CA ILE A 117 17.89 19.06 -14.68
C ILE A 117 16.88 19.38 -15.77
N GLU A 118 17.36 20.06 -16.81
CA GLU A 118 16.54 20.37 -17.98
C GLU A 118 16.80 19.43 -19.15
N GLY A 119 18.06 19.01 -19.31
CA GLY A 119 18.44 18.02 -20.30
C GLY A 119 18.29 16.61 -19.79
N ARG A 120 19.05 15.70 -20.39
CA ARG A 120 18.95 14.28 -20.10
C ARG A 120 20.25 13.80 -19.50
N ILE A 121 20.13 12.97 -18.47
CA ILE A 121 21.27 12.27 -17.89
C ILE A 121 21.11 10.78 -18.19
N HIS A 122 22.12 10.18 -18.81
CA HIS A 122 22.03 8.82 -19.33
C HIS A 122 23.23 8.02 -18.79
N LEU A 123 22.99 6.78 -18.40
CA LEU A 123 24.08 5.88 -18.00
C LEU A 123 24.68 5.19 -19.22
N SER A 124 26.01 5.21 -19.26
CA SER A 124 26.79 4.57 -20.31
C SER A 124 26.96 3.08 -20.04
N PRO A 125 27.35 2.32 -21.09
CA PRO A 125 27.40 0.86 -20.93
C PRO A 125 28.43 0.33 -19.93
N PHE A 126 29.36 1.17 -19.46
CA PHE A 126 30.16 0.86 -18.29
C PHE A 126 29.32 0.22 -17.17
N PHE A 127 28.09 0.71 -17.00
CA PHE A 127 27.25 0.25 -15.88
C PHE A 127 26.43 -1.02 -16.17
N ASP A 128 26.51 -1.56 -17.39
CA ASP A 128 25.78 -2.76 -17.72
C ASP A 128 26.20 -3.90 -16.77
N LEU A 129 25.20 -4.61 -16.25
CA LEU A 129 25.41 -5.75 -15.35
C LEU A 129 26.08 -5.39 -14.01
N LYS A 130 26.10 -4.10 -13.67
CA LYS A 130 26.74 -3.60 -12.45
C LYS A 130 25.77 -2.89 -11.51
N PRO A 131 26.11 -2.84 -10.19
CA PRO A 131 25.32 -1.99 -9.29
C PRO A 131 25.60 -0.50 -9.49
N PHE A 132 24.68 0.35 -9.04
CA PHE A 132 24.93 1.80 -9.08
C PHE A 132 23.87 2.52 -8.31
N GLN A 133 24.25 3.67 -7.75
CA GLN A 133 23.28 4.65 -7.22
C GLN A 133 23.72 5.95 -7.84
N VAL A 134 22.86 6.56 -8.66
CA VAL A 134 23.29 7.65 -9.51
C VAL A 134 23.69 8.91 -8.71
N PHE A 135 22.82 9.32 -7.78
CA PHE A 135 23.05 10.48 -6.94
C PHE A 135 22.97 10.02 -5.48
N VAL A 136 23.99 10.34 -4.68
CA VAL A 136 24.09 9.82 -3.29
C VAL A 136 24.42 10.95 -2.36
N GLY A 137 23.60 11.09 -1.33
CA GLY A 137 23.77 12.16 -0.34
C GLY A 137 24.48 11.76 0.92
N PHE A 138 24.73 10.47 1.09
CA PHE A 138 25.63 10.03 2.14
C PHE A 138 27.04 10.54 1.85
N ASP A 139 27.81 10.83 2.90
CA ASP A 139 29.20 11.25 2.71
C ASP A 139 30.23 10.24 3.26
N ASN A 140 29.74 9.04 3.55
CA ASN A 140 30.51 7.96 4.18
C ASN A 140 29.91 6.65 3.71
N GLY A 141 30.76 5.64 3.51
CA GLY A 141 30.33 4.30 3.08
C GLY A 141 29.48 3.60 4.12
N ASP A 142 29.66 3.98 5.38
CA ASP A 142 28.84 3.49 6.47
C ASP A 142 27.78 4.55 6.78
N PRO A 143 26.49 4.28 6.50
CA PRO A 143 25.48 5.31 6.79
C PRO A 143 25.42 5.81 8.23
N ALA A 144 25.72 4.93 9.19
CA ALA A 144 25.73 5.32 10.62
C ALA A 144 26.81 6.37 10.91
N SER A 145 27.87 6.40 10.09
CA SER A 145 28.94 7.41 10.24
C SER A 145 28.81 8.59 9.27
N SER A 146 27.75 8.62 8.47
CA SER A 146 27.57 9.68 7.49
C SER A 146 27.05 10.96 8.12
N GLY A 147 27.50 12.07 7.56
CA GLY A 147 26.90 13.37 7.83
C GLY A 147 25.56 13.49 7.12
N ASN A 148 24.90 14.62 7.33
CA ASN A 148 23.58 14.87 6.77
C ASN A 148 23.64 15.52 5.41
N LEU A 149 22.57 15.37 4.64
CA LEU A 149 22.37 16.17 3.44
C LEU A 149 21.19 17.06 3.75
N GLU A 150 21.36 18.38 3.58
CA GLU A 150 20.30 19.36 3.84
C GLU A 150 20.05 20.26 2.66
N ASN A 151 18.80 20.62 2.45
CA ASN A 151 18.44 21.67 1.49
C ASN A 151 18.95 21.37 0.09
N CYS A 152 18.70 20.14 -0.37
CA CYS A 152 19.09 19.71 -1.70
C CYS A 152 17.85 19.34 -2.50
N HIS A 153 17.62 20.10 -3.57
CA HIS A 153 16.45 19.93 -4.43
C HIS A 153 16.87 19.66 -5.86
N ILE A 154 16.29 18.62 -6.43
CA ILE A 154 16.48 18.23 -7.81
C ILE A 154 15.16 18.45 -8.52
N TYR A 155 15.16 19.23 -9.59
CA TYR A 155 13.91 19.58 -10.26
C TYR A 155 14.14 19.94 -11.69
N GLY A 156 13.07 19.93 -12.45
CA GLY A 156 13.12 20.39 -13.84
C GLY A 156 12.29 19.49 -14.72
N HIS A 157 12.38 19.74 -16.01
CA HIS A 157 11.63 18.97 -17.00
C HIS A 157 12.46 17.86 -17.62
N GLY A 158 13.64 17.64 -17.09
CA GLY A 158 14.56 16.68 -17.63
C GLY A 158 14.33 15.23 -17.28
N VAL A 159 15.33 14.42 -17.61
CA VAL A 159 15.20 12.98 -17.63
C VAL A 159 16.45 12.31 -17.05
N VAL A 160 16.23 11.28 -16.23
CA VAL A 160 17.27 10.34 -15.83
C VAL A 160 16.93 9.00 -16.48
N ASP A 161 17.83 8.54 -17.34
CA ASP A 161 17.63 7.33 -18.13
C ASP A 161 18.69 6.31 -17.75
N PHE A 162 18.25 5.14 -17.29
CA PHE A 162 19.14 4.14 -16.71
C PHE A 162 19.74 3.19 -17.78
N GLY A 163 19.55 3.50 -19.07
CA GLY A 163 20.24 2.78 -20.16
C GLY A 163 19.68 1.43 -20.52
N GLY A 164 18.63 0.98 -19.84
CA GLY A 164 17.99 -0.28 -20.14
C GLY A 164 18.75 -1.51 -19.67
N TYR A 165 19.87 -1.32 -18.98
CA TYR A 165 20.73 -2.45 -18.63
C TYR A 165 20.10 -3.32 -17.59
N GLU A 166 20.16 -4.63 -17.79
CA GLU A 166 19.75 -5.59 -16.76
C GLU A 166 20.72 -5.62 -15.58
N PHE A 167 20.18 -6.01 -14.42
CA PHE A 167 21.01 -6.40 -13.29
C PHE A 167 21.92 -7.57 -13.70
N GLY A 168 23.12 -7.56 -13.15
CA GLY A 168 24.06 -8.66 -13.31
C GLY A 168 23.89 -9.80 -12.34
N ALA A 169 23.38 -9.49 -11.15
CA ALA A 169 23.17 -10.48 -10.10
C ALA A 169 22.06 -9.94 -9.22
N SER A 170 21.25 -10.85 -8.69
CA SER A 170 20.11 -10.47 -7.88
C SER A 170 20.49 -9.71 -6.60
N SER A 171 21.68 -9.97 -6.09
CA SER A 171 22.17 -9.36 -4.86
C SER A 171 22.59 -7.90 -5.05
N GLN A 172 22.73 -7.47 -6.30
CA GLN A 172 23.08 -6.05 -6.58
C GLN A 172 21.96 -5.08 -6.21
N LEU A 173 22.36 -3.84 -5.95
CA LEU A 173 21.40 -2.77 -5.72
C LEU A 173 21.61 -1.67 -6.75
N ARG A 174 20.50 -1.07 -7.18
CA ARG A 174 20.51 0.11 -8.05
C ARG A 174 19.48 1.10 -7.60
N ASN A 175 19.86 2.37 -7.71
CA ASN A 175 19.04 3.49 -7.29
C ASN A 175 19.29 4.70 -8.20
N GLY A 176 18.32 5.62 -8.22
CA GLY A 176 18.47 6.90 -8.90
C GLY A 176 19.01 7.95 -7.95
N VAL A 177 18.22 8.31 -6.92
CA VAL A 177 18.61 9.30 -5.95
C VAL A 177 18.48 8.71 -4.54
N ALA A 178 19.60 8.64 -3.81
CA ALA A 178 19.62 8.28 -2.38
C ALA A 178 19.99 9.56 -1.67
N PHE A 179 19.00 10.24 -1.11
CA PHE A 179 19.30 11.52 -0.44
C PHE A 179 20.12 11.30 0.83
N GLY A 180 20.04 10.13 1.44
CA GLY A 180 20.83 9.82 2.65
C GLY A 180 20.11 10.24 3.91
N ARG A 181 20.88 10.81 4.83
CA ARG A 181 20.35 11.33 6.07
C ARG A 181 19.87 12.76 5.77
N SER A 182 18.65 12.85 5.23
CA SER A 182 18.24 13.94 4.37
C SER A 182 17.16 14.81 5.00
N TYR A 183 17.45 16.10 5.05
CA TYR A 183 16.59 17.08 5.70
C TYR A 183 16.27 18.19 4.70
N ASN A 184 14.98 18.36 4.38
CA ASN A 184 14.55 19.36 3.41
C ASN A 184 15.17 19.10 2.03
N CYS A 185 14.92 17.91 1.49
CA CYS A 185 15.37 17.54 0.16
C CYS A 185 14.14 17.12 -0.64
N SER A 186 14.20 17.30 -1.96
CA SER A 186 13.07 16.94 -2.80
C SER A 186 13.45 16.67 -4.25
N VAL A 187 12.62 15.87 -4.91
CA VAL A 187 12.69 15.69 -6.37
C VAL A 187 11.33 16.10 -6.94
N THR A 188 11.36 16.97 -7.95
CA THR A 188 10.13 17.52 -8.55
C THR A 188 10.24 17.55 -10.08
N GLY A 189 9.26 16.96 -10.77
CA GLY A 189 9.13 17.12 -12.23
C GLY A 189 9.95 16.17 -13.09
N ILE A 190 10.85 15.41 -12.47
CA ILE A 190 11.82 14.60 -13.21
C ILE A 190 11.17 13.30 -13.69
N THR A 191 11.54 12.86 -14.89
CA THR A 191 11.20 11.56 -15.44
C THR A 191 12.37 10.58 -15.26
N PHE A 192 12.11 9.48 -14.57
CA PHE A 192 13.09 8.39 -14.37
C PHE A 192 12.57 7.25 -15.24
N GLN A 193 13.42 6.74 -16.12
CA GLN A 193 12.97 5.76 -17.11
C GLN A 193 14.01 4.74 -17.53
N ASN A 194 13.52 3.64 -18.08
CA ASN A 194 14.33 2.70 -18.88
C ASN A 194 15.44 2.08 -18.06
N GLY A 195 15.04 1.26 -17.09
CA GLY A 195 16.00 0.61 -16.20
C GLY A 195 15.55 -0.71 -15.64
N ASP A 196 16.48 -1.34 -14.93
CA ASP A 196 16.25 -2.51 -14.10
C ASP A 196 16.90 -2.10 -12.76
N VAL A 197 16.10 -1.53 -11.85
CA VAL A 197 16.65 -0.95 -10.63
C VAL A 197 15.89 -1.45 -9.40
N THR A 198 16.50 -1.24 -8.24
CA THR A 198 15.86 -1.57 -6.96
C THR A 198 14.88 -0.48 -6.54
N TRP A 199 15.35 0.75 -6.61
CA TRP A 199 14.55 1.93 -6.28
C TRP A 199 14.86 3.01 -7.32
N ALA A 200 13.93 3.95 -7.54
CA ALA A 200 14.27 5.23 -8.20
C ALA A 200 14.79 6.28 -7.21
N ILE A 201 14.11 6.41 -6.08
CA ILE A 201 14.44 7.41 -5.07
C ILE A 201 14.27 6.84 -3.69
N THR A 202 15.22 7.12 -2.81
CA THR A 202 15.13 6.78 -1.41
C THR A 202 15.30 8.10 -0.63
N LEU A 203 14.46 8.26 0.38
CA LEU A 203 14.44 9.43 1.25
C LEU A 203 14.83 8.97 2.66
N GLY A 204 15.80 9.63 3.29
CA GLY A 204 16.12 9.29 4.66
C GLY A 204 16.96 8.04 4.78
N TRP A 205 17.33 7.75 6.03
CA TRP A 205 18.05 6.53 6.38
C TRP A 205 17.67 6.13 7.79
N ASN A 206 16.94 5.03 7.91
CA ASN A 206 16.56 4.45 9.23
C ASN A 206 16.02 5.51 10.20
N GLY A 207 15.12 6.33 9.69
CA GLY A 207 14.41 7.32 10.49
C GLY A 207 15.11 8.66 10.59
N TYR A 208 16.36 8.75 10.15
CA TYR A 208 17.08 10.01 10.10
C TYR A 208 16.73 10.77 8.83
N GLY A 209 16.33 12.03 9.00
CA GLY A 209 15.87 12.91 7.93
C GLY A 209 14.54 13.52 8.29
N SER A 210 14.08 14.43 7.46
CA SER A 210 12.80 15.11 7.67
C SER A 210 12.46 15.92 6.42
N ASN A 211 11.17 16.13 6.17
CA ASN A 211 10.75 17.04 5.11
C ASN A 211 11.41 16.73 3.78
N CYS A 212 11.25 15.47 3.35
CA CYS A 212 11.70 15.06 2.02
C CYS A 212 10.49 14.65 1.19
N TYR A 213 10.47 15.07 -0.08
CA TYR A 213 9.27 14.93 -0.90
C TYR A 213 9.62 14.56 -2.34
N VAL A 214 8.70 13.81 -2.94
CA VAL A 214 8.75 13.50 -4.37
C VAL A 214 7.42 13.94 -4.96
N ARG A 215 7.47 14.88 -5.90
CA ARG A 215 6.27 15.51 -6.43
C ARG A 215 6.34 15.63 -7.93
N LYS A 216 5.25 15.25 -8.59
CA LYS A 216 5.12 15.47 -10.04
C LYS A 216 6.23 14.80 -10.84
N CYS A 217 6.76 13.70 -10.34
CA CYS A 217 7.73 12.91 -11.08
C CYS A 217 7.03 11.76 -11.81
N ARG A 218 7.72 11.27 -12.83
CA ARG A 218 7.29 10.11 -13.60
C ARG A 218 8.32 9.02 -13.47
N PHE A 219 7.83 7.80 -13.35
CA PHE A 219 8.67 6.61 -13.21
C PHE A 219 8.16 5.58 -14.21
N ILE A 220 8.96 5.32 -15.24
CA ILE A 220 8.52 4.54 -16.39
C ILE A 220 9.48 3.43 -16.73
N ASN A 221 9.00 2.20 -16.62
CA ASN A 221 9.73 1.01 -17.08
C ASN A 221 11.08 0.85 -16.37
N LEU A 222 11.01 0.64 -15.05
CA LEU A 222 12.18 0.56 -14.19
C LEU A 222 12.49 -0.84 -13.66
N VAL A 223 11.78 -1.85 -14.16
CA VAL A 223 12.09 -3.27 -13.97
C VAL A 223 12.03 -3.95 -15.35
N ASN A 224 13.06 -4.70 -15.74
CA ASN A 224 13.02 -5.39 -17.03
C ASN A 224 13.57 -6.81 -17.09
N SER A 225 13.97 -7.40 -15.97
CA SER A 225 14.59 -8.73 -16.02
C SER A 225 14.19 -9.64 -14.87
N SER A 226 14.41 -10.95 -15.08
CA SER A 226 14.21 -11.97 -14.07
C SER A 226 15.29 -11.96 -12.99
N VAL A 227 16.39 -11.26 -13.24
CA VAL A 227 17.49 -11.21 -12.26
C VAL A 227 17.10 -10.22 -11.14
N ASN A 228 16.29 -9.22 -11.46
CA ASN A 228 15.92 -8.18 -10.48
C ASN A 228 15.23 -8.85 -9.30
N ALA A 229 15.78 -8.70 -8.10
CA ALA A 229 15.23 -9.39 -6.93
C ALA A 229 13.95 -8.77 -6.42
N ASP A 230 13.82 -7.45 -6.53
CA ASP A 230 12.77 -6.70 -5.82
C ASP A 230 12.84 -5.24 -6.25
N HIS A 231 11.71 -4.56 -6.28
CA HIS A 231 11.69 -3.15 -6.69
C HIS A 231 10.63 -2.39 -5.93
N SER A 232 11.03 -1.25 -5.35
CA SER A 232 10.09 -0.28 -4.81
C SER A 232 10.52 1.08 -5.30
N THR A 233 9.63 1.78 -6.00
CA THR A 233 10.07 2.96 -6.72
C THR A 233 10.54 4.09 -5.82
N VAL A 234 9.79 4.39 -4.76
CA VAL A 234 10.21 5.36 -3.76
C VAL A 234 10.15 4.74 -2.37
N TYR A 235 11.27 4.79 -1.65
CA TYR A 235 11.33 4.30 -0.28
C TYR A 235 11.44 5.50 0.66
N VAL A 236 10.40 5.70 1.49
CA VAL A 236 10.35 6.85 2.40
C VAL A 236 10.76 6.38 3.80
N ASN A 237 12.00 6.71 4.16
CA ASN A 237 12.60 6.22 5.39
C ASN A 237 13.01 7.36 6.31
N CYS A 238 12.24 8.45 6.24
CA CYS A 238 12.36 9.53 7.18
C CYS A 238 10.97 10.13 7.40
N PRO A 239 10.71 10.70 8.60
CA PRO A 239 9.39 11.20 8.91
C PRO A 239 9.09 12.54 8.22
N TYR A 240 7.82 12.96 8.28
CA TYR A 240 7.40 14.27 7.77
C TYR A 240 7.76 14.44 6.31
N SER A 241 7.44 13.40 5.53
CA SER A 241 7.92 13.22 4.17
C SER A 241 6.87 12.48 3.37
N GLY A 242 6.95 12.54 2.05
CA GLY A 242 5.98 11.82 1.24
C GLY A 242 6.06 12.04 -0.25
N VAL A 243 5.10 11.42 -0.92
CA VAL A 243 5.01 11.34 -2.37
C VAL A 243 3.63 11.87 -2.79
N GLU A 244 3.60 12.80 -3.76
CA GLU A 244 2.36 13.45 -4.19
C GLU A 244 2.35 13.64 -5.71
N SER A 245 1.22 13.33 -6.34
CA SER A 245 0.97 13.67 -7.74
C SER A 245 2.03 13.12 -8.67
N CYS A 246 2.38 11.86 -8.49
CA CYS A 246 3.34 11.19 -9.35
C CYS A 246 2.66 10.17 -10.24
N TYR A 247 3.41 9.74 -11.24
CA TYR A 247 2.96 8.76 -12.22
C TYR A 247 3.96 7.61 -12.25
N PHE A 248 3.44 6.38 -12.14
CA PHE A 248 4.28 5.18 -12.07
C PHE A 248 3.74 4.16 -13.07
N SER A 249 4.60 3.73 -13.98
CA SER A 249 4.19 2.77 -14.99
C SER A 249 5.27 1.73 -15.25
N MET A 250 4.84 0.48 -15.35
CA MET A 250 5.69 -0.63 -15.77
C MET A 250 4.98 -1.41 -16.85
N SER A 251 5.78 -1.97 -17.76
CA SER A 251 5.25 -2.84 -18.82
C SER A 251 5.75 -4.28 -18.71
N SER A 252 6.81 -4.51 -17.95
CA SER A 252 7.43 -5.84 -17.89
C SER A 252 6.58 -6.84 -17.10
N SER A 253 6.57 -8.08 -17.55
CA SER A 253 5.95 -9.16 -16.77
C SER A 253 6.50 -9.27 -15.36
N PHE A 254 7.80 -9.05 -15.23
CA PHE A 254 8.48 -9.22 -13.95
C PHE A 254 7.96 -8.20 -12.94
N ALA A 255 7.64 -7.00 -13.41
CA ALA A 255 7.16 -5.95 -12.53
C ALA A 255 5.84 -6.36 -11.83
N ARG A 256 5.02 -7.17 -12.51
CA ARG A 256 3.73 -7.55 -11.96
C ARG A 256 3.86 -8.49 -10.78
N ASN A 257 5.06 -9.10 -10.63
CA ASN A 257 5.34 -10.04 -9.55
C ASN A 257 6.22 -9.46 -8.46
N ILE A 258 7.00 -8.40 -8.76
CA ILE A 258 7.99 -7.89 -7.81
C ILE A 258 7.88 -6.42 -7.44
N ALA A 259 7.24 -5.60 -8.26
CA ALA A 259 7.37 -4.14 -8.11
C ALA A 259 6.30 -3.49 -7.26
N CYS A 260 6.72 -2.60 -6.34
CA CYS A 260 5.80 -1.75 -5.59
C CYS A 260 6.11 -0.27 -5.87
N SER A 261 5.10 0.60 -5.79
CA SER A 261 5.37 1.99 -6.08
C SER A 261 6.04 2.73 -4.92
N VAL A 262 5.56 2.53 -3.68
CA VAL A 262 6.03 3.32 -2.53
C VAL A 262 6.14 2.48 -1.27
N GLN A 263 7.14 2.80 -0.46
CA GLN A 263 7.28 2.29 0.92
C GLN A 263 7.16 3.48 1.86
N LEU A 264 6.19 3.44 2.78
CA LEU A 264 6.07 4.45 3.84
C LEU A 264 6.47 3.78 5.13
N HIS A 265 7.67 4.13 5.62
CA HIS A 265 8.31 3.38 6.68
C HIS A 265 8.65 4.20 7.94
N GLN A 266 8.16 5.45 8.00
CA GLN A 266 8.34 6.29 9.18
C GLN A 266 7.10 7.13 9.39
N HIS A 267 7.00 7.71 10.57
CA HIS A 267 5.80 8.41 10.99
C HIS A 267 5.59 9.70 10.19
N ASP A 268 4.33 10.12 10.12
CA ASP A 268 3.97 11.36 9.44
C ASP A 268 4.40 11.34 7.99
N THR A 269 4.09 10.25 7.30
CA THR A 269 4.39 10.15 5.90
C THR A 269 3.12 9.85 5.09
N PHE A 270 3.20 10.21 3.81
CA PHE A 270 2.03 10.18 2.95
C PHE A 270 2.32 9.79 1.51
N TYR A 271 1.26 9.29 0.87
CA TYR A 271 1.29 8.92 -0.54
C TYR A 271 -0.08 9.32 -1.09
N ARG A 272 -0.10 10.35 -1.95
CA ARG A 272 -1.36 10.90 -2.37
C ARG A 272 -1.39 11.26 -3.85
N GLY A 273 -2.58 11.19 -4.42
CA GLY A 273 -2.82 11.80 -5.71
C GLY A 273 -2.02 11.27 -6.87
N SER A 274 -1.62 10.01 -6.81
CA SER A 274 -0.73 9.44 -7.79
C SER A 274 -1.45 8.36 -8.57
N THR A 275 -0.89 8.04 -9.73
CA THR A 275 -1.44 7.02 -10.63
C THR A 275 -0.37 5.95 -10.85
N VAL A 276 -0.80 4.70 -10.75
CA VAL A 276 0.05 3.53 -10.83
C VAL A 276 -0.55 2.57 -11.85
N ASN A 277 0.28 2.07 -12.76
CA ASN A 277 -0.12 1.01 -13.67
C ASN A 277 1.00 0.00 -13.91
N GLY A 278 0.66 -1.27 -13.85
CA GLY A 278 1.59 -2.33 -14.24
C GLY A 278 2.42 -2.91 -13.10
N TYR A 279 2.15 -2.47 -11.87
CA TYR A 279 2.89 -2.90 -10.68
C TYR A 279 2.26 -4.06 -9.99
N CYS A 280 3.05 -4.77 -9.15
CA CYS A 280 2.50 -5.78 -8.28
C CYS A 280 1.72 -5.13 -7.13
N ARG A 281 2.34 -4.12 -6.50
CA ARG A 281 1.84 -3.55 -5.27
C ARG A 281 1.84 -2.03 -5.30
N GLY A 282 0.91 -1.45 -4.52
CA GLY A 282 0.77 0.00 -4.41
C GLY A 282 1.76 0.59 -3.42
N ALA A 283 1.53 0.28 -2.15
CA ALA A 283 2.36 0.83 -1.08
C ALA A 283 2.41 -0.13 0.12
N TYR A 284 3.60 -0.26 0.68
CA TYR A 284 3.75 -0.82 2.01
C TYR A 284 3.69 0.33 3.01
N VAL A 285 3.03 0.03 4.13
CA VAL A 285 2.95 0.94 5.26
C VAL A 285 3.42 0.09 6.44
N VAL A 286 4.65 0.34 6.88
CA VAL A 286 5.39 -0.61 7.71
C VAL A 286 6.26 0.09 8.76
N MET A 287 6.36 -0.51 9.95
CA MET A 287 7.44 -0.16 10.87
C MET A 287 8.38 -1.35 11.02
N HIS A 288 9.56 -1.27 10.37
CA HIS A 288 10.62 -2.25 10.61
C HIS A 288 11.39 -1.84 11.87
N ALA A 289 11.44 -2.72 12.85
CA ALA A 289 12.31 -2.50 13.99
C ALA A 289 13.74 -2.19 13.60
N ALA A 290 14.24 -2.82 12.53
CA ALA A 290 15.62 -2.59 12.11
C ALA A 290 15.86 -1.18 11.57
N GLU A 291 14.78 -0.41 11.35
CA GLU A 291 14.85 0.96 10.82
C GLU A 291 14.44 2.04 11.82
N ALA A 292 14.34 1.69 13.10
CA ALA A 292 13.80 2.57 14.14
C ALA A 292 14.78 3.53 14.81
N ALA A 293 16.03 3.59 14.37
CA ALA A 293 17.04 4.38 15.06
C ALA A 293 16.77 5.89 15.10
N GLY A 294 16.36 6.49 13.98
CA GLY A 294 16.34 7.94 13.90
C GLY A 294 15.07 8.63 14.36
N ALA A 295 13.94 7.92 14.35
CA ALA A 295 12.64 8.53 14.59
C ALA A 295 11.74 7.72 15.52
N GLY A 296 12.29 6.70 16.18
CA GLY A 296 11.53 5.88 17.10
C GLY A 296 10.96 4.61 16.48
N SER A 297 10.31 3.82 17.32
CA SER A 297 9.85 2.47 16.94
C SER A 297 8.37 2.42 16.55
N TYR A 298 7.77 3.59 16.30
CA TYR A 298 6.38 3.71 15.93
C TYR A 298 6.24 4.40 14.61
N ALA A 299 5.53 3.76 13.68
CA ALA A 299 5.06 4.38 12.43
C ALA A 299 3.60 4.77 12.73
N TYR A 300 3.33 6.06 12.76
CA TYR A 300 2.01 6.57 13.02
C TYR A 300 1.77 7.76 12.10
N ASN A 301 0.52 8.15 11.94
CA ASN A 301 0.16 9.23 11.00
C ASN A 301 0.63 8.91 9.59
N MET A 302 0.10 7.80 9.09
CA MET A 302 0.44 7.27 7.79
C MET A 302 -0.79 7.44 6.90
N GLN A 303 -0.61 8.04 5.73
CA GLN A 303 -1.73 8.44 4.88
C GLN A 303 -1.55 7.96 3.43
N VAL A 304 -2.53 7.18 2.95
CA VAL A 304 -2.53 6.74 1.56
C VAL A 304 -3.89 7.17 0.99
N GLU A 305 -3.90 8.22 0.17
CA GLU A 305 -5.16 8.86 -0.22
C GLU A 305 -5.21 9.28 -1.67
N ASN A 306 -6.38 9.07 -2.24
CA ASN A 306 -6.73 9.66 -3.54
C ASN A 306 -5.80 9.24 -4.69
N ASN A 307 -5.35 8.00 -4.63
CA ASN A 307 -4.54 7.41 -5.69
C ASN A 307 -5.43 6.59 -6.64
N ILE A 308 -4.89 6.36 -7.84
CA ILE A 308 -5.52 5.58 -8.90
C ILE A 308 -4.53 4.47 -9.23
N ALA A 309 -4.97 3.22 -9.23
CA ALA A 309 -4.02 2.12 -9.45
C ALA A 309 -4.63 0.95 -10.22
N VAL A 310 -3.82 0.40 -11.13
CA VAL A 310 -4.03 -0.93 -11.72
C VAL A 310 -2.81 -1.74 -11.33
N ILE A 311 -3.04 -2.74 -10.48
CA ILE A 311 -1.96 -3.54 -9.92
C ILE A 311 -2.29 -5.02 -10.12
N TYR A 312 -1.37 -5.91 -9.75
CA TYR A 312 -1.59 -7.35 -9.94
C TYR A 312 -1.62 -8.14 -8.64
N GLY A 313 -1.12 -7.54 -7.57
CA GLY A 313 -1.01 -8.15 -6.23
C GLY A 313 -1.83 -7.36 -5.20
N GLN A 314 -1.17 -6.66 -4.27
CA GLN A 314 -1.89 -5.99 -3.20
C GLN A 314 -1.69 -4.50 -3.22
N PHE A 315 -2.76 -3.76 -2.91
CA PHE A 315 -2.68 -2.30 -2.95
C PHE A 315 -1.89 -1.70 -1.78
N VAL A 316 -2.37 -1.95 -0.56
CA VAL A 316 -1.66 -1.50 0.65
C VAL A 316 -1.37 -2.71 1.52
N ILE A 317 -0.10 -2.81 1.91
CA ILE A 317 0.39 -3.89 2.78
C ILE A 317 0.79 -3.24 4.10
N LEU A 318 0.21 -3.75 5.20
CA LEU A 318 0.48 -3.28 6.56
C LEU A 318 1.34 -4.31 7.27
N GLY A 319 2.30 -3.83 8.05
CA GLY A 319 3.16 -4.68 8.84
C GLY A 319 3.97 -3.98 9.88
N SER A 320 4.46 -4.76 10.84
CA SER A 320 5.48 -4.31 11.78
C SER A 320 6.18 -5.55 12.29
N ASP A 321 7.38 -5.36 12.78
CA ASP A 321 8.18 -6.53 13.18
C ASP A 321 9.20 -6.15 14.23
N VAL A 322 10.04 -7.12 14.63
CA VAL A 322 10.93 -6.99 15.77
C VAL A 322 12.34 -7.43 15.41
N THR A 323 13.28 -6.90 16.17
CA THR A 323 14.66 -7.40 16.18
C THR A 323 14.91 -7.89 17.57
N ALA A 324 16.16 -8.29 17.83
CA ALA A 324 16.51 -8.80 19.14
C ALA A 324 16.22 -7.79 20.27
N THR A 325 16.37 -6.49 19.98
CA THR A 325 16.25 -5.45 21.01
C THR A 325 15.20 -4.36 20.78
N VAL A 326 14.55 -4.37 19.61
CA VAL A 326 13.59 -3.33 19.26
C VAL A 326 12.30 -3.97 18.74
N SER A 327 11.15 -3.41 19.14
CA SER A 327 9.85 -3.83 18.60
C SER A 327 9.20 -2.69 17.85
N GLY A 328 8.79 -2.96 16.62
CA GLY A 328 8.11 -1.99 15.79
C GLY A 328 6.61 -2.03 15.97
N HIS A 329 5.98 -0.86 15.83
CA HIS A 329 4.56 -0.68 16.02
C HIS A 329 4.03 0.19 14.88
N LEU A 330 2.85 -0.17 14.38
CA LEU A 330 2.15 0.57 13.35
C LEU A 330 0.76 0.95 13.84
N ASN A 331 0.44 2.22 13.83
CA ASN A 331 -0.88 2.68 14.29
C ASN A 331 -1.21 4.05 13.72
N ASP A 332 -2.49 4.37 13.70
CA ASP A 332 -2.96 5.68 13.24
C ASP A 332 -2.64 5.85 11.74
N VAL A 333 -3.36 5.04 10.97
CA VAL A 333 -3.22 4.95 9.52
C VAL A 333 -4.57 5.29 8.90
N ILE A 334 -4.53 5.98 7.77
CA ILE A 334 -5.75 6.23 6.99
C ILE A 334 -5.51 5.92 5.52
N VAL A 335 -6.42 5.11 4.96
CA VAL A 335 -6.41 4.72 3.55
C VAL A 335 -7.77 5.14 3.01
N SER A 336 -7.79 6.18 2.18
CA SER A 336 -9.07 6.77 1.77
C SER A 336 -9.04 7.32 0.35
N GLY A 337 -10.19 7.23 -0.34
CA GLY A 337 -10.36 7.89 -1.61
C GLY A 337 -9.65 7.26 -2.77
N ASN A 338 -9.10 6.06 -2.59
CA ASN A 338 -8.34 5.39 -3.66
C ASN A 338 -9.27 4.59 -4.55
N ILE A 339 -8.95 4.54 -5.85
CA ILE A 339 -9.67 3.70 -6.80
C ILE A 339 -8.68 2.74 -7.41
N VAL A 340 -8.92 1.45 -7.18
CA VAL A 340 -7.91 0.42 -7.43
C VAL A 340 -8.57 -0.78 -8.07
N SER A 341 -7.88 -1.34 -9.05
CA SER A 341 -8.27 -2.59 -9.65
C SER A 341 -7.10 -3.55 -9.77
N ILE A 342 -7.43 -4.83 -9.72
CA ILE A 342 -6.52 -5.86 -10.19
C ILE A 342 -6.66 -5.92 -11.72
N GLY A 343 -5.54 -5.78 -12.44
CA GLY A 343 -5.56 -5.84 -13.87
C GLY A 343 -5.88 -7.24 -14.36
N GLU A 344 -6.22 -7.30 -15.64
CA GLU A 344 -6.55 -8.56 -16.27
C GLU A 344 -5.41 -9.57 -16.14
N ARG A 345 -5.70 -10.70 -15.51
CA ARG A 345 -4.73 -11.78 -15.37
C ARG A 345 -5.48 -13.06 -14.98
N ALA A 346 -4.81 -14.18 -15.18
CA ALA A 346 -5.35 -15.47 -14.76
C ALA A 346 -5.31 -15.55 -13.21
N ALA A 347 -6.25 -16.33 -12.67
CA ALA A 347 -6.24 -16.63 -11.25
C ALA A 347 -4.89 -17.25 -10.90
N PHE A 348 -4.33 -16.78 -9.78
CA PHE A 348 -3.11 -17.32 -9.17
C PHE A 348 -1.83 -17.09 -9.96
N SER A 349 -1.89 -16.21 -10.96
CA SER A 349 -0.74 -15.95 -11.81
C SER A 349 0.19 -14.83 -11.31
N ALA A 350 -0.25 -14.14 -10.24
CA ALA A 350 0.57 -13.13 -9.57
C ALA A 350 0.30 -13.29 -8.07
N PRO A 351 1.03 -12.57 -7.20
CA PRO A 351 0.69 -12.63 -5.79
C PRO A 351 -0.78 -12.29 -5.51
N PHE A 352 -1.32 -12.90 -4.45
CA PHE A 352 -2.76 -12.92 -4.16
C PHE A 352 -3.31 -11.48 -4.18
N GLY A 353 -4.35 -11.24 -4.98
CA GLY A 353 -4.94 -9.91 -5.13
C GLY A 353 -5.60 -9.44 -3.85
N ALA A 354 -5.33 -8.20 -3.46
CA ALA A 354 -5.94 -7.67 -2.23
C ALA A 354 -5.94 -6.15 -2.23
N PHE A 355 -6.95 -5.57 -1.58
CA PHE A 355 -6.93 -4.14 -1.33
C PHE A 355 -6.01 -3.84 -0.14
N ILE A 356 -6.26 -4.52 0.98
CA ILE A 356 -5.40 -4.48 2.17
C ILE A 356 -4.82 -5.87 2.39
N ASP A 357 -3.51 -5.93 2.65
CA ASP A 357 -2.87 -7.14 3.12
C ASP A 357 -2.26 -6.88 4.48
N ILE A 358 -2.48 -7.79 5.42
CA ILE A 358 -1.78 -7.80 6.71
C ILE A 358 -0.68 -8.84 6.53
N GLY A 359 0.51 -8.35 6.23
CA GLY A 359 1.58 -9.17 5.74
C GLY A 359 2.53 -9.67 6.83
N PRO A 360 2.82 -11.00 6.84
CA PRO A 360 3.86 -11.53 7.76
C PRO A 360 5.24 -10.93 7.49
N ASP A 361 6.14 -11.04 8.46
CA ASP A 361 7.45 -10.44 8.31
C ASP A 361 8.27 -11.11 7.23
N ASN A 362 9.48 -10.58 7.01
CA ASN A 362 10.32 -11.08 5.92
C ASN A 362 10.79 -12.52 6.13
N SER A 363 10.64 -13.05 7.34
CA SER A 363 10.92 -14.47 7.62
C SER A 363 9.65 -15.33 7.64
N GLY A 364 8.50 -14.69 7.37
CA GLY A 364 7.22 -15.36 7.33
C GLY A 364 6.48 -15.41 8.65
N ALA A 365 6.99 -14.73 9.66
CA ALA A 365 6.37 -14.77 10.99
C ALA A 365 5.13 -13.91 11.08
N SER A 366 4.09 -14.48 11.69
CA SER A 366 2.81 -13.83 11.80
C SER A 366 2.45 -13.47 13.23
N ASN A 367 3.41 -13.60 14.14
CA ASN A 367 3.17 -13.39 15.55
C ASN A 367 4.06 -12.30 16.16
N VAL A 368 4.54 -11.37 15.33
CA VAL A 368 5.42 -10.29 15.79
C VAL A 368 4.80 -8.91 15.60
N GLN A 369 3.62 -8.83 15.00
CA GLN A 369 3.05 -7.58 14.52
C GLN A 369 2.30 -6.85 15.63
N ASP A 370 2.31 -5.52 15.56
CA ASP A 370 1.50 -4.68 16.45
C ASP A 370 0.89 -3.56 15.63
N ILE A 371 -0.21 -3.91 14.96
CA ILE A 371 -0.88 -3.03 13.98
C ILE A 371 -2.25 -2.72 14.52
N GLN A 372 -2.58 -1.43 14.68
CA GLN A 372 -3.90 -1.06 15.17
C GLN A 372 -4.25 0.35 14.77
N ARG A 373 -5.50 0.73 15.02
CA ARG A 373 -5.98 2.09 14.71
C ARG A 373 -5.73 2.45 13.25
N VAL A 374 -6.28 1.61 12.39
CA VAL A 374 -6.25 1.82 10.95
C VAL A 374 -7.68 2.06 10.46
N LEU A 375 -7.85 3.11 9.62
CA LEU A 375 -9.15 3.43 9.04
C LEU A 375 -9.04 3.33 7.53
N VAL A 376 -9.84 2.42 6.96
CA VAL A 376 -9.92 2.23 5.52
C VAL A 376 -11.34 2.68 5.14
N THR A 377 -11.45 3.79 4.41
CA THR A 377 -12.74 4.39 4.16
C THR A 377 -12.81 5.06 2.79
N GLY A 378 -13.95 4.90 2.14
CA GLY A 378 -14.23 5.65 0.93
C GLY A 378 -13.38 5.27 -0.25
N ASN A 379 -13.00 4.01 -0.33
CA ASN A 379 -12.23 3.46 -1.45
C ASN A 379 -13.09 2.57 -2.30
N SER A 380 -12.65 2.39 -3.54
CA SER A 380 -13.28 1.41 -4.42
C SER A 380 -12.24 0.44 -4.93
N PHE A 381 -12.62 -0.84 -4.94
CA PHE A 381 -11.73 -1.91 -5.39
C PHE A 381 -12.50 -2.82 -6.30
N TYR A 382 -11.86 -3.22 -7.39
CA TYR A 382 -12.44 -4.11 -8.39
C TYR A 382 -11.43 -5.17 -8.82
N ALA A 383 -11.88 -6.41 -8.95
CA ALA A 383 -11.09 -7.47 -9.59
C ALA A 383 -12.02 -8.22 -10.55
N PRO A 384 -11.55 -8.47 -11.78
CA PRO A 384 -12.32 -9.27 -12.72
C PRO A 384 -12.79 -10.61 -12.17
N ALA A 385 -13.96 -11.07 -12.67
CA ALA A 385 -14.65 -12.23 -12.12
C ALA A 385 -13.85 -13.51 -12.08
N ASN A 386 -12.89 -13.66 -12.98
CA ASN A 386 -12.10 -14.91 -12.99
C ASN A 386 -11.04 -14.99 -11.90
N ILE A 387 -10.74 -13.85 -11.26
CA ILE A 387 -9.61 -13.77 -10.31
C ILE A 387 -10.04 -14.29 -8.95
N THR A 388 -9.91 -15.59 -8.76
CA THR A 388 -10.27 -16.26 -7.51
C THR A 388 -9.52 -15.66 -6.34
N ASP A 389 -8.24 -15.40 -6.59
CA ASP A 389 -7.38 -14.84 -5.58
C ASP A 389 -7.51 -13.31 -5.55
N SER A 390 -8.64 -12.84 -5.04
CA SER A 390 -8.88 -11.40 -4.86
C SER A 390 -9.71 -11.21 -3.61
N ALA A 391 -9.26 -10.30 -2.74
CA ALA A 391 -9.93 -10.05 -1.45
C ALA A 391 -9.86 -8.60 -1.05
N ALA A 392 -10.90 -8.13 -0.36
CA ALA A 392 -10.85 -6.81 0.26
C ALA A 392 -9.68 -6.74 1.24
N ILE A 393 -9.57 -7.77 2.10
CA ILE A 393 -8.43 -7.90 3.01
C ILE A 393 -7.97 -9.34 3.10
N THR A 394 -6.69 -9.55 2.81
CA THR A 394 -6.04 -10.80 3.14
C THR A 394 -5.37 -10.60 4.50
N LEU A 395 -5.91 -11.25 5.51
CA LEU A 395 -5.55 -11.02 6.92
C LEU A 395 -4.67 -12.20 7.33
N ARG A 396 -3.36 -12.05 7.14
CA ARG A 396 -2.43 -13.18 7.17
C ARG A 396 -1.51 -13.13 8.37
N ALA A 397 -1.58 -12.06 9.18
CA ALA A 397 -0.76 -11.98 10.37
C ALA A 397 -1.56 -11.35 11.48
N ASN A 398 -1.04 -11.43 12.70
CA ASN A 398 -1.74 -10.89 13.87
C ASN A 398 -2.14 -9.45 13.63
N LEU A 399 -3.38 -9.11 14.01
CA LEU A 399 -3.95 -7.80 13.76
C LEU A 399 -4.57 -7.32 15.07
N ASN A 400 -4.17 -6.12 15.54
CA ASN A 400 -4.74 -5.53 16.74
C ASN A 400 -5.82 -4.50 16.47
N GLY A 401 -6.03 -4.14 15.21
CA GLY A 401 -7.22 -3.41 14.83
C GLY A 401 -7.19 -2.90 13.41
N CYS A 402 -8.33 -2.94 12.73
CA CYS A 402 -8.48 -2.30 11.45
C CYS A 402 -9.97 -2.07 11.22
N THR A 403 -10.33 -0.86 10.80
CA THR A 403 -11.72 -0.42 10.67
C THR A 403 -12.02 -0.09 9.21
N PHE A 404 -13.06 -0.73 8.67
CA PHE A 404 -13.55 -0.49 7.31
C PHE A 404 -14.91 0.18 7.35
N ILE A 405 -15.01 1.36 6.74
CA ILE A 405 -16.28 2.10 6.69
C ILE A 405 -16.47 2.61 5.26
N ALA A 406 -17.68 2.42 4.70
CA ALA A 406 -18.05 3.10 3.48
C ALA A 406 -17.10 2.91 2.30
N ASN A 407 -16.66 1.66 2.11
CA ASN A 407 -15.93 1.26 0.91
C ASN A 407 -16.84 0.49 -0.03
N ASN A 408 -16.40 0.36 -1.27
CA ASN A 408 -17.05 -0.50 -2.26
C ASN A 408 -16.05 -1.52 -2.73
N PHE A 409 -16.28 -2.78 -2.36
CA PHE A 409 -15.34 -3.86 -2.67
C PHE A 409 -16.03 -4.86 -3.60
N ASP A 410 -15.45 -5.06 -4.78
CA ASP A 410 -16.04 -5.90 -5.79
C ASP A 410 -14.99 -6.89 -6.27
N CYS A 411 -14.91 -8.00 -5.54
CA CYS A 411 -13.87 -9.01 -5.76
C CYS A 411 -14.37 -10.32 -5.18
N ARG A 412 -13.52 -11.34 -5.18
CA ARG A 412 -14.01 -12.68 -4.83
C ARG A 412 -14.36 -12.84 -3.33
N TYR A 413 -13.43 -12.44 -2.47
CA TYR A 413 -13.58 -12.51 -1.02
C TYR A 413 -13.64 -11.14 -0.41
N MET A 414 -14.37 -11.03 0.71
CA MET A 414 -14.26 -9.82 1.54
C MET A 414 -13.07 -9.97 2.52
N VAL A 415 -13.20 -10.78 3.55
CA VAL A 415 -12.11 -11.15 4.43
C VAL A 415 -11.65 -12.56 4.07
N TYR A 416 -10.34 -12.73 3.90
CA TYR A 416 -9.76 -14.03 3.57
C TYR A 416 -8.45 -14.27 4.31
N ASN A 417 -8.24 -15.52 4.68
CA ASN A 417 -6.91 -16.07 4.97
C ASN A 417 -6.97 -17.54 4.61
N ALA A 418 -5.86 -18.02 4.08
N ALA A 418 -5.83 -18.15 4.33
CA ALA A 418 -5.80 -19.38 3.51
CA ALA A 418 -5.76 -19.61 4.21
C ALA A 418 -5.81 -20.37 4.67
C ALA A 418 -5.49 -20.27 5.57
N PRO A 419 -6.62 -21.44 4.57
N PRO A 419 -5.96 -21.51 5.75
CA PRO A 419 -6.58 -22.46 5.60
CA PRO A 419 -5.57 -22.28 6.92
C PRO A 419 -5.26 -23.23 5.52
C PRO A 419 -4.06 -22.35 6.96
N GLY A 420 -4.80 -23.74 6.67
N GLY A 420 -3.51 -22.48 8.16
CA GLY A 420 -3.59 -24.53 6.73
CA GLY A 420 -2.07 -22.53 8.32
C GLY A 420 -2.29 -23.73 6.53
C GLY A 420 -1.70 -22.97 9.71
N THR A 421 -2.37 -22.42 6.75
N THR A 421 -0.42 -23.24 9.93
CA THR A 421 -1.19 -21.56 6.69
CA THR A 421 0.03 -23.76 11.22
C THR A 421 -1.01 -20.89 8.05
C THR A 421 0.08 -22.70 12.31
N THR A 422 -1.14 -19.58 8.13
N THR A 422 0.26 -21.43 11.95
CA THR A 422 -0.97 -18.88 9.38
CA THR A 422 0.26 -20.35 12.93
C THR A 422 -2.31 -18.91 10.12
C THR A 422 -0.77 -19.27 12.52
N SER A 423 -2.25 -18.66 11.42
N SER A 423 -2.05 -19.62 12.62
CA SER A 423 -3.45 -18.62 12.26
CA SER A 423 -3.11 -18.71 12.17
C SER A 423 -3.44 -17.32 13.05
C SER A 423 -3.12 -17.39 12.95
N PRO A 424 -3.76 -16.19 12.37
N PRO A 424 -3.68 -16.32 12.34
CA PRO A 424 -3.68 -14.92 13.07
CA PRO A 424 -3.64 -15.02 12.98
C PRO A 424 -4.57 -14.83 14.28
C PRO A 424 -4.53 -14.88 14.19
N VAL A 425 -4.10 -14.06 15.24
N VAL A 425 -4.08 -14.06 15.13
CA VAL A 425 -4.87 -13.62 16.38
CA VAL A 425 -4.87 -13.65 16.27
C VAL A 425 -5.44 -12.26 15.98
C VAL A 425 -5.44 -12.27 15.94
N VAL A 426 -6.76 -12.15 15.92
CA VAL A 426 -7.44 -10.95 15.40
C VAL A 426 -8.19 -10.25 16.52
N GLN A 427 -7.92 -8.95 16.66
CA GLN A 427 -8.68 -8.10 17.57
C GLN A 427 -9.13 -6.85 16.86
N ASN A 428 -10.34 -6.38 17.18
CA ASN A 428 -10.79 -5.07 16.73
C ASN A 428 -10.84 -4.92 15.22
N LEU A 429 -11.26 -6.00 14.56
CA LEU A 429 -11.57 -5.93 13.13
C LEU A 429 -13.00 -5.45 13.03
N VAL A 430 -13.20 -4.31 12.37
CA VAL A 430 -14.55 -3.69 12.25
C VAL A 430 -14.88 -3.54 10.78
N TRP A 431 -15.92 -4.26 10.34
CA TRP A 431 -16.46 -4.15 9.00
C TRP A 431 -17.90 -3.62 9.11
N ASP A 432 -18.04 -2.32 8.92
CA ASP A 432 -19.30 -1.64 9.06
C ASP A 432 -20.27 -2.06 7.95
N LYS A 433 -21.56 -1.98 8.25
CA LYS A 433 -22.59 -2.32 7.28
C LYS A 433 -22.59 -1.41 6.03
N SER A 434 -21.93 -0.27 6.11
CA SER A 434 -21.88 0.68 4.98
C SER A 434 -20.86 0.25 3.91
N ASN A 435 -20.11 -0.83 4.14
CA ASN A 435 -19.30 -1.40 3.06
C ASN A 435 -20.19 -2.12 2.09
N VAL A 436 -20.11 -1.73 0.83
CA VAL A 436 -20.94 -2.27 -0.23
C VAL A 436 -20.13 -3.37 -0.92
N ILE A 437 -20.76 -4.56 -1.04
CA ILE A 437 -20.18 -5.76 -1.60
C ILE A 437 -20.70 -5.89 -3.03
N GLY A 438 -19.80 -5.75 -4.00
CA GLY A 438 -20.20 -5.83 -5.40
C GLY A 438 -20.54 -7.22 -5.87
N GLY A 439 -21.04 -7.28 -7.08
CA GLY A 439 -21.57 -8.52 -7.65
C GLY A 439 -20.81 -9.13 -8.81
N THR A 440 -19.63 -8.60 -9.14
CA THR A 440 -18.86 -9.13 -10.27
C THR A 440 -18.61 -10.62 -10.16
N HIS A 441 -18.36 -11.13 -8.94
CA HIS A 441 -18.03 -12.54 -8.74
C HIS A 441 -19.23 -13.41 -8.43
N ALA A 442 -20.45 -12.87 -8.55
CA ALA A 442 -21.61 -13.73 -8.39
C ALA A 442 -21.53 -14.92 -9.32
N ASN A 443 -21.94 -16.07 -8.80
CA ASN A 443 -21.94 -17.35 -9.51
C ASN A 443 -20.57 -18.00 -9.67
N GLN A 444 -19.52 -17.36 -9.14
CA GLN A 444 -18.16 -17.91 -9.21
C GLN A 444 -17.68 -18.60 -7.93
N ARG A 445 -18.54 -18.59 -6.91
CA ARG A 445 -18.09 -18.87 -5.55
C ARG A 445 -18.39 -20.28 -5.03
N ALA A 446 -18.58 -21.24 -5.93
CA ALA A 446 -18.73 -22.65 -5.49
C ALA A 446 -17.63 -23.02 -4.50
N GLY A 447 -18.07 -23.59 -3.38
CA GLY A 447 -17.13 -24.08 -2.39
C GLY A 447 -16.46 -23.02 -1.52
N GLN A 448 -16.87 -21.77 -1.66
CA GLN A 448 -16.16 -20.64 -1.05
C GLN A 448 -17.05 -19.87 -0.08
N ASN A 449 -16.38 -19.31 0.94
CA ASN A 449 -17.04 -18.50 1.96
C ASN A 449 -16.67 -17.03 1.70
N LEU A 450 -17.66 -16.14 1.55
CA LEU A 450 -17.38 -14.74 1.22
C LEU A 450 -16.44 -14.07 2.26
N PHE A 451 -16.72 -14.33 3.54
CA PHE A 451 -15.85 -13.96 4.67
C PHE A 451 -15.36 -15.28 5.22
N ASP A 452 -14.10 -15.60 4.97
CA ASP A 452 -13.56 -16.91 5.31
C ASP A 452 -12.62 -16.73 6.48
N MET A 453 -13.15 -16.97 7.68
CA MET A 453 -12.51 -16.47 8.91
C MET A 453 -11.52 -17.48 9.48
N GLN A 454 -10.45 -17.68 8.70
CA GLN A 454 -9.44 -18.74 8.99
C GLN A 454 -8.37 -18.17 9.92
N PHE A 455 -8.81 -17.99 11.18
CA PHE A 455 -7.99 -17.35 12.22
C PHE A 455 -7.90 -18.23 13.45
N ALA A 456 -6.88 -17.98 14.28
CA ALA A 456 -6.82 -18.61 15.58
C ALA A 456 -7.94 -18.15 16.52
N SER A 457 -8.24 -16.86 16.45
CA SER A 457 -9.24 -16.29 17.32
C SER A 457 -9.61 -14.92 16.77
N VAL A 458 -10.83 -14.52 17.13
CA VAL A 458 -11.42 -13.22 16.80
C VAL A 458 -12.10 -12.67 18.05
N VAL A 459 -11.72 -11.45 18.44
CA VAL A 459 -12.27 -10.79 19.63
C VAL A 459 -12.54 -9.33 19.31
N ASN A 460 -13.56 -8.77 19.96
CA ASN A 460 -13.86 -7.33 19.82
C ASN A 460 -13.99 -6.91 18.36
N SER A 461 -14.63 -7.78 17.56
CA SER A 461 -14.75 -7.54 16.14
C SER A 461 -16.21 -7.44 15.74
N THR A 462 -16.42 -6.76 14.61
CA THR A 462 -17.75 -6.51 14.05
C THR A 462 -17.71 -6.90 12.58
N ILE A 463 -18.60 -7.80 12.16
CA ILE A 463 -18.77 -8.03 10.73
C ILE A 463 -20.25 -7.91 10.42
N GLU A 464 -20.61 -6.84 9.73
CA GLU A 464 -21.99 -6.62 9.32
C GLU A 464 -22.08 -6.84 7.80
N VAL A 465 -22.51 -8.04 7.42
CA VAL A 465 -22.58 -8.44 6.02
C VAL A 465 -23.87 -7.90 5.40
N GLN A 466 -23.72 -7.18 4.30
CA GLN A 466 -24.87 -6.70 3.53
C GLN A 466 -24.58 -7.01 2.06
N LEU A 467 -25.38 -7.92 1.48
CA LEU A 467 -25.29 -8.20 0.06
C LEU A 467 -26.03 -7.11 -0.72
N SER A 468 -25.71 -6.98 -2.00
CA SER A 468 -26.47 -6.08 -2.88
C SER A 468 -26.97 -6.77 -4.12
N CYS A 469 -26.76 -8.06 -4.21
CA CYS A 469 -27.34 -8.91 -5.26
C CYS A 469 -27.16 -10.36 -4.83
N GLU A 470 -27.82 -11.29 -5.51
CA GLU A 470 -27.77 -12.68 -5.13
C GLU A 470 -26.49 -13.36 -5.64
N ASP A 471 -25.93 -14.22 -4.80
CA ASP A 471 -24.95 -15.15 -5.24
C ASP A 471 -25.18 -16.46 -4.55
N LEU A 472 -25.97 -17.35 -5.19
CA LEU A 472 -26.29 -18.62 -4.58
C LEU A 472 -25.20 -19.67 -4.78
N SER A 473 -24.13 -19.32 -5.49
CA SER A 473 -23.02 -20.25 -5.64
C SER A 473 -22.17 -20.40 -4.37
N MET A 474 -22.12 -19.35 -3.56
CA MET A 474 -21.23 -19.40 -2.41
C MET A 474 -21.73 -20.41 -1.39
N PHE A 475 -20.79 -21.02 -0.69
CA PHE A 475 -21.14 -21.92 0.37
C PHE A 475 -21.80 -21.18 1.54
N SER A 476 -21.24 -20.04 1.90
CA SER A 476 -21.77 -19.25 3.00
C SER A 476 -21.33 -17.81 2.83
N CYS A 477 -22.06 -16.92 3.48
CA CYS A 477 -21.62 -15.52 3.63
C CYS A 477 -20.42 -15.37 4.54
N ILE A 478 -20.45 -16.08 5.65
CA ILE A 478 -19.38 -16.01 6.64
C ILE A 478 -19.24 -17.35 7.33
N LEU A 479 -18.01 -17.83 7.48
CA LEU A 479 -17.75 -19.13 8.09
C LEU A 479 -16.58 -18.99 9.05
N PHE A 480 -16.81 -19.54 10.26
CA PHE A 480 -15.79 -19.69 11.28
C PHE A 480 -15.48 -21.19 11.48
N PRO A 481 -14.26 -21.62 11.19
CA PRO A 481 -13.94 -23.02 11.48
C PRO A 481 -13.93 -23.23 13.01
N ALA A 482 -14.04 -24.48 13.45
CA ALA A 482 -14.11 -24.81 14.86
C ALA A 482 -12.84 -24.40 15.62
N SER A 483 -11.73 -24.35 14.90
CA SER A 483 -10.45 -23.92 15.47
C SER A 483 -10.35 -22.42 15.76
N CYS A 484 -11.31 -21.62 15.27
CA CYS A 484 -11.32 -20.18 15.53
C CYS A 484 -12.19 -19.85 16.74
N GLN A 485 -11.59 -19.38 17.82
CA GLN A 485 -12.34 -18.90 18.95
C GLN A 485 -12.97 -17.56 18.54
N LEU A 486 -14.16 -17.32 19.02
CA LEU A 486 -14.88 -16.08 18.74
C LEU A 486 -15.55 -15.59 20.01
N SER A 487 -15.25 -14.35 20.41
CA SER A 487 -15.80 -13.82 21.67
C SER A 487 -15.93 -12.31 21.58
N TYR A 488 -16.85 -11.75 22.36
CA TYR A 488 -17.04 -10.31 22.42
C TYR A 488 -17.04 -9.70 21.02
N SER A 489 -17.94 -10.22 20.19
CA SER A 489 -18.02 -9.84 18.79
C SER A 489 -19.46 -9.79 18.32
N LYS A 490 -19.65 -9.06 17.23
CA LYS A 490 -20.98 -8.86 16.59
C LYS A 490 -20.87 -9.31 15.14
N ILE A 491 -21.68 -10.30 14.77
CA ILE A 491 -21.68 -10.87 13.44
C ILE A 491 -23.12 -10.89 12.94
N THR A 492 -23.41 -10.14 11.88
CA THR A 492 -24.77 -10.07 11.34
C THR A 492 -24.76 -10.28 9.84
N VAL A 493 -25.79 -10.96 9.35
CA VAL A 493 -26.01 -11.11 7.92
C VAL A 493 -27.41 -10.56 7.64
N ASP A 494 -27.47 -9.47 6.89
CA ASP A 494 -28.73 -8.88 6.49
C ASP A 494 -29.47 -9.88 5.61
N SER A 495 -30.80 -9.91 5.67
CA SER A 495 -31.51 -10.93 4.92
C SER A 495 -31.61 -10.64 3.41
N ALA A 496 -31.38 -9.41 2.95
CA ALA A 496 -31.66 -9.11 1.55
C ALA A 496 -30.77 -9.98 0.64
N TRP A 497 -31.40 -10.53 -0.40
CA TRP A 497 -30.78 -11.44 -1.37
C TRP A 497 -30.36 -12.80 -0.80
N THR A 498 -30.80 -13.12 0.41
CA THR A 498 -30.43 -14.37 1.05
C THR A 498 -31.51 -15.44 1.13
N LYS A 499 -32.72 -15.17 0.64
CA LYS A 499 -33.81 -16.15 0.90
C LYS A 499 -33.53 -17.55 0.45
N SER A 500 -32.78 -17.70 -0.63
CA SER A 500 -32.56 -19.00 -1.23
C SER A 500 -31.23 -19.61 -0.86
N MET A 501 -30.51 -19.02 0.09
CA MET A 501 -29.21 -19.55 0.51
C MET A 501 -29.42 -20.63 1.56
N SER A 502 -28.77 -21.77 1.34
CA SER A 502 -28.77 -22.87 2.29
C SER A 502 -28.06 -22.52 3.59
N ASN A 503 -26.95 -21.83 3.46
CA ASN A 503 -26.18 -21.38 4.59
C ASN A 503 -25.93 -19.89 4.44
N THR A 504 -26.05 -19.18 5.54
CA THR A 504 -25.76 -17.74 5.57
C THR A 504 -24.54 -17.53 6.43
N ALA A 505 -24.67 -17.63 7.74
CA ALA A 505 -23.52 -17.66 8.67
C ALA A 505 -23.32 -19.07 9.20
N VAL A 506 -22.06 -19.52 9.19
CA VAL A 506 -21.69 -20.85 9.65
C VAL A 506 -20.65 -20.77 10.75
N PHE A 507 -20.96 -21.43 11.88
CA PHE A 507 -20.12 -21.46 13.05
C PHE A 507 -19.84 -22.93 13.30
N GLU A 508 -18.72 -23.40 12.77
CA GLU A 508 -18.46 -24.85 12.80
C GLU A 508 -18.15 -25.41 14.18
N GLY A 509 -17.81 -24.52 15.12
CA GLY A 509 -17.66 -24.89 16.52
C GLY A 509 -18.78 -24.38 17.41
N ASN A 510 -19.94 -24.03 16.82
CA ASN A 510 -21.07 -23.49 17.58
C ASN A 510 -20.65 -22.25 18.40
N GLN A 511 -19.76 -21.44 17.84
CA GLN A 511 -19.18 -20.30 18.58
C GLN A 511 -20.20 -19.20 18.83
N GLN A 512 -21.28 -19.20 18.05
CA GLN A 512 -22.27 -18.15 18.21
C GLN A 512 -22.98 -18.23 19.58
N ALA A 513 -22.85 -19.35 20.27
CA ALA A 513 -23.43 -19.52 21.61
C ALA A 513 -22.66 -18.78 22.71
N GLY A 514 -21.52 -18.18 22.40
CA GLY A 514 -20.73 -17.53 23.43
C GLY A 514 -21.50 -16.42 24.19
N ALA A 515 -21.18 -16.25 25.46
CA ALA A 515 -21.91 -15.33 26.33
C ALA A 515 -21.96 -13.90 25.79
N ASN A 516 -20.88 -13.47 25.14
CA ASN A 516 -20.74 -12.12 24.64
C ASN A 516 -20.60 -12.09 23.12
N VAL A 517 -21.28 -13.02 22.46
CA VAL A 517 -21.39 -13.01 21.00
C VAL A 517 -22.80 -12.53 20.67
N TYR A 518 -22.87 -11.58 19.75
CA TYR A 518 -24.10 -10.89 19.35
C TYR A 518 -24.23 -11.18 17.86
N VAL A 519 -25.27 -11.92 17.47
CA VAL A 519 -25.34 -12.43 16.10
C VAL A 519 -26.76 -12.43 15.62
N SER A 520 -26.90 -12.26 14.31
CA SER A 520 -28.18 -12.49 13.64
C SER A 520 -27.98 -12.92 12.20
N TYR A 521 -28.78 -13.89 11.77
CA TYR A 521 -28.69 -14.38 10.40
C TYR A 521 -29.91 -15.21 10.06
N PRO A 522 -30.23 -15.30 8.77
CA PRO A 522 -31.39 -16.11 8.35
C PRO A 522 -31.17 -17.61 8.37
N ALA A 523 -32.23 -18.35 8.64
CA ALA A 523 -32.19 -19.80 8.61
C ALA A 523 -33.59 -20.31 8.27
N THR A 524 -33.64 -21.52 7.76
CA THR A 524 -34.90 -22.21 7.52
C THR A 524 -35.13 -23.17 8.67
N VAL A 525 -36.35 -23.15 9.20
CA VAL A 525 -36.72 -23.90 10.39
C VAL A 525 -38.05 -24.63 10.18
N ASN A 526 -38.09 -25.90 10.52
CA ASN A 526 -39.31 -26.71 10.49
C ASN A 526 -39.99 -26.64 11.85
N LEU A 527 -41.28 -26.36 11.86
CA LEU A 527 -42.06 -26.25 13.08
C LEU A 527 -43.28 -27.16 13.03
N THR A 528 -43.73 -27.60 14.18
CA THR A 528 -45.01 -28.29 14.33
C THR A 528 -45.76 -27.65 15.50
N SER A 529 -47.09 -27.58 15.38
CA SER A 529 -47.95 -27.05 16.42
C SER A 529 -48.66 -28.15 17.20
N TYR A 530 -49.18 -27.77 18.35
CA TYR A 530 -50.19 -28.55 19.01
C TYR A 530 -51.52 -28.46 18.25
N ASN A 531 -52.44 -29.33 18.62
CA ASN A 531 -53.77 -29.44 17.99
C ASN A 531 -54.77 -28.34 18.32
N THR A 532 -54.55 -27.68 19.45
CA THR A 532 -55.52 -26.77 20.05
C THR A 532 -56.08 -25.73 19.07
N GLN A 533 -57.39 -25.55 19.06
CA GLN A 533 -58.00 -24.40 18.41
C GLN A 533 -57.68 -23.15 19.23
N GLY A 534 -57.45 -22.06 18.54
CA GLY A 534 -57.18 -20.77 19.17
C GLY A 534 -55.68 -20.52 19.23
N ALA A 535 -55.28 -19.73 20.23
CA ALA A 535 -53.86 -19.45 20.43
C ALA A 535 -53.19 -20.79 20.70
N VAL A 536 -52.12 -21.07 19.96
CA VAL A 536 -51.54 -22.40 19.97
C VAL A 536 -50.03 -22.29 19.75
N PRO A 537 -49.24 -23.06 20.49
CA PRO A 537 -47.80 -23.03 20.30
C PRO A 537 -47.31 -23.80 19.08
N PHE A 538 -46.27 -23.26 18.47
CA PHE A 538 -45.47 -23.94 17.48
C PHE A 538 -44.06 -24.10 18.03
N PHE A 539 -43.46 -25.26 17.75
CA PHE A 539 -42.17 -25.64 18.28
C PHE A 539 -41.30 -26.13 17.11
N SER A 540 -40.03 -25.80 17.11
CA SER A 540 -39.12 -26.33 16.11
C SER A 540 -38.91 -27.84 16.32
N THR A 541 -38.74 -28.55 15.22
CA THR A 541 -38.44 -29.97 15.29
C THR A 541 -36.99 -30.18 15.71
N ASP A 542 -36.08 -29.36 15.22
CA ASP A 542 -34.69 -29.48 15.64
C ASP A 542 -34.46 -28.74 16.94
N THR A 543 -33.38 -29.11 17.61
CA THR A 543 -33.06 -28.65 18.95
C THR A 543 -31.72 -27.94 19.04
N ASN A 544 -31.34 -27.26 17.96
CA ASN A 544 -30.04 -26.59 17.92
C ASN A 544 -30.15 -25.07 18.06
N TYR A 545 -31.17 -24.61 18.81
CA TYR A 545 -31.41 -23.18 18.97
C TYR A 545 -31.36 -22.72 20.43
N ALA A 546 -30.59 -23.42 21.27
CA ALA A 546 -30.46 -23.00 22.68
C ALA A 546 -29.84 -21.63 22.87
N TRP A 547 -29.18 -21.13 21.82
CA TRP A 547 -28.47 -19.85 21.84
C TRP A 547 -29.31 -18.66 21.34
N VAL A 548 -30.48 -18.95 20.79
CA VAL A 548 -31.31 -17.94 20.16
C VAL A 548 -32.11 -17.16 21.22
N THR A 549 -32.00 -15.85 21.18
CA THR A 549 -32.75 -15.02 22.08
C THR A 549 -34.11 -14.61 21.50
N SER A 550 -34.20 -14.45 20.19
CA SER A 550 -35.47 -14.23 19.52
C SER A 550 -35.30 -14.56 18.05
N ALA A 551 -36.41 -14.86 17.40
CA ALA A 551 -36.43 -15.07 15.96
C ALA A 551 -37.74 -14.51 15.42
N TYR A 552 -37.74 -14.12 14.16
CA TYR A 552 -38.98 -13.65 13.54
C TYR A 552 -39.12 -14.09 12.08
N SER A 553 -40.36 -14.16 11.66
CA SER A 553 -40.70 -14.63 10.32
C SER A 553 -40.18 -13.77 9.19
N LEU A 554 -39.55 -14.41 8.21
CA LEU A 554 -39.17 -13.81 6.93
C LEU A 554 -39.99 -14.41 5.76
N SER A 555 -41.04 -15.19 6.08
CA SER A 555 -41.87 -15.90 5.10
C SER A 555 -43.30 -15.47 5.17
N ILE A 556 -44.02 -15.55 4.04
CA ILE A 556 -45.46 -15.35 4.10
C ILE A 556 -46.15 -16.63 4.52
N ASN A 557 -47.38 -16.47 4.95
CA ASN A 557 -48.24 -17.59 5.35
C ASN A 557 -49.31 -17.81 4.29
N GLU A 558 -49.19 -18.92 3.57
CA GLU A 558 -50.13 -19.26 2.47
C GLU A 558 -51.49 -19.80 2.96
N ASN A 559 -51.62 -20.02 4.26
CA ASN A 559 -52.77 -20.64 4.88
C ASN A 559 -53.84 -19.65 5.25
N LEU A 560 -55.09 -20.11 5.20
CA LEU A 560 -56.22 -19.36 5.72
C LEU A 560 -56.58 -19.78 7.16
N ASP A 561 -56.52 -21.08 7.43
CA ASP A 561 -57.09 -21.65 8.64
C ASP A 561 -56.22 -21.49 9.87
N PHE A 562 -54.97 -21.09 9.69
CA PHE A 562 -54.07 -20.87 10.80
C PHE A 562 -52.98 -19.93 10.39
N SER A 563 -52.21 -19.47 11.40
CA SER A 563 -51.01 -18.72 11.14
C SER A 563 -49.95 -19.18 12.16
N PRO A 564 -48.68 -19.35 11.71
CA PRO A 564 -47.61 -19.60 12.64
C PRO A 564 -47.30 -18.30 13.39
N PRO A 565 -46.47 -18.39 14.44
CA PRO A 565 -46.07 -17.22 15.16
C PRO A 565 -45.29 -16.25 14.29
N ALA A 566 -45.46 -14.96 14.53
CA ALA A 566 -44.59 -13.96 13.93
C ALA A 566 -43.20 -14.00 14.54
N THR A 567 -43.15 -14.28 15.83
CA THR A 567 -41.91 -14.23 16.62
C THR A 567 -41.80 -15.43 17.55
N TYR A 568 -40.56 -15.74 17.91
CA TYR A 568 -40.23 -16.94 18.67
C TYR A 568 -39.20 -16.60 19.71
N THR A 569 -39.20 -17.37 20.77
CA THR A 569 -38.09 -17.46 21.71
C THR A 569 -37.64 -18.90 21.75
N ASN A 570 -36.77 -19.26 22.67
CA ASN A 570 -36.36 -20.61 22.82
C ASN A 570 -36.76 -21.27 24.12
N LYS A 571 -36.36 -22.53 24.26
CA LYS A 571 -36.58 -23.37 25.43
C LYS A 571 -35.25 -24.02 25.78
N ALA A 572 -35.17 -24.55 26.98
CA ALA A 572 -33.93 -25.13 27.51
C ALA A 572 -33.38 -26.25 26.67
N ASN A 573 -34.26 -26.98 26.01
CA ASN A 573 -33.85 -28.14 25.22
C ASN A 573 -33.38 -27.77 23.83
N GLY A 574 -33.35 -26.48 23.53
CA GLY A 574 -32.86 -26.01 22.24
C GLY A 574 -33.92 -25.83 21.17
N GLN A 575 -35.19 -26.09 21.49
CA GLN A 575 -36.29 -25.80 20.54
C GLN A 575 -36.60 -24.30 20.53
N LEU A 576 -37.02 -23.81 19.38
CA LEU A 576 -37.74 -22.54 19.31
C LEU A 576 -39.20 -22.81 19.65
N VAL A 577 -39.85 -21.79 20.20
CA VAL A 577 -41.27 -21.79 20.55
C VAL A 577 -41.88 -20.42 20.29
N GLY A 578 -43.09 -20.41 19.75
CA GLY A 578 -43.87 -19.19 19.66
C GLY A 578 -45.34 -19.50 19.65
N VAL A 579 -46.14 -18.45 19.82
CA VAL A 579 -47.59 -18.59 19.89
C VAL A 579 -48.22 -18.11 18.58
N GLY A 580 -48.83 -19.06 17.84
CA GLY A 580 -49.60 -18.76 16.64
C GLY A 580 -51.07 -18.89 16.91
N TYR A 581 -51.85 -19.00 15.84
CA TYR A 581 -53.30 -19.02 15.96
C TYR A 581 -53.94 -20.02 15.01
N ASN A 582 -54.68 -20.98 15.58
CA ASN A 582 -55.45 -21.95 14.85
C ASN A 582 -56.92 -21.48 14.77
N GLU A 583 -57.36 -20.96 13.63
CA GLU A 583 -58.77 -20.60 13.49
C GLU A 583 -59.63 -21.86 13.65
N ILE A 584 -59.15 -22.93 13.05
CA ILE A 584 -59.70 -24.29 13.22
C ILE A 584 -58.55 -25.11 13.80
N GLY A 585 -58.88 -26.02 14.71
CA GLY A 585 -57.87 -26.90 15.30
C GLY A 585 -57.21 -27.81 14.29
N GLY A 586 -56.13 -28.40 14.74
CA GLY A 586 -55.33 -29.33 13.98
C GLY A 586 -53.85 -29.13 14.21
N VAL A 587 -53.13 -30.24 14.25
CA VAL A 587 -51.68 -30.22 14.27
C VAL A 587 -51.20 -29.63 12.93
N ARG A 588 -50.35 -28.61 13.01
CA ARG A 588 -49.80 -27.97 11.81
C ARG A 588 -48.32 -28.28 11.68
N SER A 589 -47.83 -28.28 10.44
CA SER A 589 -46.43 -28.51 10.14
C SER A 589 -46.05 -27.56 9.04
N VAL A 590 -45.07 -26.70 9.30
CA VAL A 590 -44.63 -25.70 8.34
C VAL A 590 -43.09 -25.60 8.32
N SER A 591 -42.58 -25.11 7.20
CA SER A 591 -41.19 -24.78 7.02
C SER A 591 -41.13 -23.29 6.77
N VAL A 592 -40.41 -22.55 7.63
CA VAL A 592 -40.43 -21.08 7.60
C VAL A 592 -38.97 -20.58 7.53
N ARG A 593 -38.79 -19.46 6.85
CA ARG A 593 -37.54 -18.74 6.86
C ARG A 593 -37.62 -17.75 8.01
N LEU A 594 -36.65 -17.84 8.94
CA LEU A 594 -36.60 -17.00 10.13
C LEU A 594 -35.33 -16.20 10.15
N MET A 595 -35.40 -15.00 10.73
CA MET A 595 -34.19 -14.30 11.19
C MET A 595 -33.90 -14.76 12.59
N LEU A 596 -32.80 -15.48 12.77
CA LEU A 596 -32.36 -15.90 14.10
C LEU A 596 -31.53 -14.78 14.71
N GLN A 597 -31.84 -14.43 15.97
CA GLN A 597 -31.13 -13.37 16.69
C GLN A 597 -30.63 -13.87 18.03
N ARG A 598 -29.43 -13.40 18.35
CA ARG A 598 -28.82 -13.63 19.66
C ARG A 598 -28.31 -12.30 20.20
N GLN A 599 -29.04 -11.79 21.20
CA GLN A 599 -28.64 -10.62 21.97
C GLN A 599 -28.69 -9.31 21.18
N VAL A 600 -29.34 -9.35 20.01
CA VAL A 600 -29.52 -8.23 19.11
C VAL A 600 -30.97 -8.16 18.68
#